data_3REF
#
_entry.id   3REF
#
_cell.length_a   50.300
_cell.length_b   54.476
_cell.length_c   132.285
_cell.angle_alpha   90.00
_cell.angle_beta   90.00
_cell.angle_gamma   90.00
#
_symmetry.space_group_name_H-M   'P 21 21 21'
#
loop_
_entity.id
_entity.type
_entity.pdbx_description
1 polymer 'Rho-like small GTPase'
2 non-polymer "GUANOSINE-5'-DIPHOSPHATE"
3 non-polymer 'MAGNESIUM ION'
4 non-polymer 'SULFATE ION'
5 water water
#
_entity_poly.entity_id   1
_entity_poly.type   'polypeptide(L)'
_entity_poly.pdbx_seq_one_letter_code
;SNAMLAFSDMNTGAGKIENGKKALKIVVVGDGAVGKTCLLLAFSKGEIPTAYVPTVFENFSHVMKYKNEEFILHLWDTAG
QEEYDRLRPLSYADSDVVLLCFAVNNRTSFDNISTKWEPEIKHYIDTAKTVLVGLKVDLRKDGSDDVTKQEGDDLCQKLG
CVAYIEASSVAKIGLNEVFEKSVDCIFSNKPVPK
;
_entity_poly.pdbx_strand_id   B,A
#
# COMPACT_ATOMS: atom_id res chain seq x y z
N GLY A 15 -15.02 22.57 5.96
CA GLY A 15 -15.95 21.57 5.45
C GLY A 15 -17.40 21.92 5.77
N LYS A 16 -17.92 21.29 6.83
CA LYS A 16 -19.30 21.52 7.29
C LYS A 16 -19.60 20.73 8.56
N ILE A 17 -20.67 21.12 9.26
CA ILE A 17 -21.08 20.44 10.49
C ILE A 17 -22.49 19.89 10.34
N GLU A 18 -22.66 18.61 10.68
CA GLU A 18 -23.94 17.95 10.49
C GLU A 18 -24.30 17.14 11.74
N ASN A 19 -25.46 17.44 12.30
CA ASN A 19 -25.77 16.99 13.65
C ASN A 19 -24.75 17.61 14.61
N GLY A 20 -23.88 16.76 15.14
CA GLY A 20 -22.76 17.22 15.93
C GLY A 20 -21.45 16.81 15.28
N LYS A 21 -21.54 16.22 14.10
CA LYS A 21 -20.37 15.65 13.45
C LYS A 21 -19.79 16.52 12.33
N LYS A 22 -18.46 16.49 12.22
CA LYS A 22 -17.78 17.09 11.09
C LYS A 22 -18.14 16.29 9.84
N ALA A 23 -18.42 16.99 8.74
CA ALA A 23 -18.92 16.35 7.52
C ALA A 23 -18.20 16.93 6.30
N LEU A 24 -18.08 16.14 5.25
CA LEU A 24 -17.51 16.66 4.00
C LEU A 24 -18.06 15.88 2.80
N LYS A 25 -18.13 16.55 1.65
CA LYS A 25 -18.59 15.95 0.41
C LYS A 25 -17.40 15.62 -0.46
N ILE A 26 -17.34 14.36 -0.89
CA ILE A 26 -16.26 13.84 -1.69
C ILE A 26 -16.83 13.28 -2.98
N VAL A 27 -16.33 13.76 -4.10
CA VAL A 27 -16.81 13.32 -5.40
C VAL A 27 -15.72 12.53 -6.07
N VAL A 28 -16.09 11.47 -6.79
CA VAL A 28 -15.09 10.59 -7.38
C VAL A 28 -15.23 10.72 -8.89
N VAL A 29 -14.15 11.09 -9.58
CA VAL A 29 -14.17 11.23 -11.05
C VAL A 29 -13.01 10.51 -11.73
N GLY A 30 -13.12 10.36 -13.05
CA GLY A 30 -12.14 9.64 -13.83
C GLY A 30 -12.81 8.81 -14.92
N ASP A 31 -12.02 8.27 -15.84
CA ASP A 31 -12.52 7.57 -17.02
C ASP A 31 -13.39 6.38 -16.59
N GLY A 32 -14.27 5.94 -17.48
CA GLY A 32 -15.03 4.73 -17.21
C GLY A 32 -14.09 3.55 -17.02
N ALA A 33 -14.48 2.64 -16.13
CA ALA A 33 -13.76 1.40 -15.91
C ALA A 33 -12.42 1.53 -15.16
N VAL A 34 -12.16 2.69 -14.53
CA VAL A 34 -10.91 2.79 -13.74
C VAL A 34 -11.08 2.24 -12.32
N GLY A 35 -12.32 2.12 -11.88
CA GLY A 35 -12.63 1.45 -10.62
C GLY A 35 -13.28 2.36 -9.57
N LYS A 36 -13.92 3.44 -10.02
CA LYS A 36 -14.54 4.43 -9.11
C LYS A 36 -15.65 3.81 -8.27
N THR A 37 -16.55 3.07 -8.91
CA THR A 37 -17.67 2.50 -8.18
C THR A 37 -17.15 1.45 -7.19
N CYS A 38 -16.19 0.65 -7.61
CA CYS A 38 -15.64 -0.37 -6.71
C CYS A 38 -14.89 0.24 -5.51
N LEU A 39 -14.21 1.36 -5.74
CA LEU A 39 -13.52 2.06 -4.66
C LEU A 39 -14.53 2.40 -3.57
N LEU A 40 -15.68 2.95 -3.97
CA LEU A 40 -16.67 3.38 -2.98
C LEU A 40 -17.30 2.18 -2.29
N LEU A 41 -17.58 1.14 -3.06
CA LEU A 41 -18.18 -0.07 -2.48
C LEU A 41 -17.22 -0.80 -1.54
N ALA A 42 -15.96 -0.97 -1.96
CA ALA A 42 -14.98 -1.68 -1.12
C ALA A 42 -14.73 -0.90 0.17
N PHE A 43 -14.60 0.40 0.05
CA PHE A 43 -14.32 1.23 1.22
C PHE A 43 -15.46 1.20 2.22
N SER A 44 -16.68 1.35 1.71
CA SER A 44 -17.81 1.57 2.60
C SER A 44 -18.36 0.25 3.10
N LYS A 45 -18.40 -0.74 2.23
CA LYS A 45 -19.07 -2.01 2.53
C LYS A 45 -18.11 -3.21 2.70
N GLY A 46 -16.89 -3.07 2.21
CA GLY A 46 -15.82 -4.01 2.49
C GLY A 46 -15.78 -5.29 1.67
N GLU A 47 -16.47 -5.29 0.53
CA GLU A 47 -16.49 -6.45 -0.35
C GLU A 47 -17.00 -5.99 -1.71
N ILE A 48 -16.56 -6.66 -2.78
CA ILE A 48 -17.08 -6.34 -4.11
C ILE A 48 -17.43 -7.60 -4.90
N PRO A 49 -18.41 -7.51 -5.83
CA PRO A 49 -18.81 -8.70 -6.62
C PRO A 49 -17.69 -9.06 -7.56
N THR A 50 -17.56 -10.35 -7.81
CA THR A 50 -16.43 -10.89 -8.55
C THR A 50 -16.24 -10.25 -9.94
N ALA A 51 -17.33 -9.84 -10.59
CA ALA A 51 -17.20 -9.42 -11.98
C ALA A 51 -17.38 -7.93 -12.19
N TYR A 52 -18.60 -7.43 -12.03
CA TYR A 52 -18.91 -6.05 -12.37
C TYR A 52 -19.90 -5.43 -11.38
N VAL A 53 -20.02 -4.10 -11.39
CA VAL A 53 -20.98 -3.40 -10.55
C VAL A 53 -21.83 -2.43 -11.36
N PRO A 54 -22.92 -1.90 -10.77
CA PRO A 54 -23.68 -0.88 -11.50
C PRO A 54 -22.80 0.28 -11.94
N THR A 55 -23.23 1.00 -12.97
CA THR A 55 -22.45 2.12 -13.48
C THR A 55 -22.21 3.23 -12.46
N VAL A 56 -23.25 3.71 -11.78
CA VAL A 56 -23.04 4.82 -10.84
C VAL A 56 -23.97 4.70 -9.64
N PHE A 57 -23.44 4.84 -8.43
CA PHE A 57 -24.26 4.83 -7.23
C PHE A 57 -24.83 6.22 -6.97
N GLU A 58 -26.01 6.29 -6.36
CA GLU A 58 -26.52 7.56 -5.81
C GLU A 58 -25.60 7.96 -4.69
N ASN A 59 -25.48 9.27 -4.46
CA ASN A 59 -24.68 9.71 -3.31
C ASN A 59 -25.22 9.09 -2.03
N PHE A 60 -24.30 8.75 -1.12
CA PHE A 60 -24.70 8.15 0.15
C PHE A 60 -23.74 8.60 1.24
N SER A 61 -24.17 8.43 2.48
CA SER A 61 -23.38 8.82 3.64
C SER A 61 -22.66 7.64 4.27
N HIS A 62 -21.43 7.89 4.69
CA HIS A 62 -20.63 6.90 5.39
C HIS A 62 -19.97 7.52 6.61
N VAL A 63 -20.22 6.96 7.80
CA VAL A 63 -19.62 7.46 9.03
C VAL A 63 -18.26 6.81 9.21
N MET A 64 -17.22 7.63 9.25
CA MET A 64 -15.87 7.11 9.40
C MET A 64 -15.32 7.45 10.78
N LYS A 65 -14.87 6.44 11.52
CA LYS A 65 -14.22 6.65 12.80
C LYS A 65 -12.74 6.79 12.53
N TYR A 66 -12.19 7.95 12.86
CA TYR A 66 -10.83 8.26 12.47
C TYR A 66 -10.16 9.17 13.50
N LYS A 67 -8.94 8.78 13.89
CA LYS A 67 -8.27 9.46 14.98
C LYS A 67 -9.17 9.27 16.19
N ASN A 68 -9.76 10.34 16.71
CA ASN A 68 -10.65 10.13 17.85
C ASN A 68 -11.98 10.80 17.64
N GLU A 69 -12.49 10.68 16.41
CA GLU A 69 -13.65 11.46 16.01
C GLU A 69 -14.44 10.76 14.91
N GLU A 70 -15.72 11.10 14.81
CA GLU A 70 -16.55 10.56 13.75
C GLU A 70 -16.76 11.61 12.68
N PHE A 71 -16.50 11.24 11.44
CA PHE A 71 -16.71 12.13 10.30
C PHE A 71 -17.83 11.57 9.42
N ILE A 72 -18.74 12.44 8.99
CA ILE A 72 -19.74 12.02 8.02
C ILE A 72 -19.21 12.33 6.63
N LEU A 73 -18.94 11.28 5.85
CA LEU A 73 -18.50 11.44 4.48
C LEU A 73 -19.69 11.29 3.52
N HIS A 74 -19.95 12.32 2.72
CA HIS A 74 -20.99 12.21 1.71
C HIS A 74 -20.30 11.85 0.40
N LEU A 75 -20.55 10.64 -0.09
CA LEU A 75 -19.74 10.08 -1.17
C LEU A 75 -20.54 10.06 -2.44
N TRP A 76 -20.01 10.77 -3.46
CA TRP A 76 -20.70 10.89 -4.74
C TRP A 76 -19.95 10.20 -5.87
N ASP A 77 -20.47 9.07 -6.32
CA ASP A 77 -19.99 8.40 -7.54
C ASP A 77 -20.34 9.28 -8.75
N THR A 78 -19.62 9.13 -9.86
CA THR A 78 -19.97 9.80 -11.13
C THR A 78 -19.79 8.86 -12.33
N ALA A 79 -20.43 9.22 -13.43
CA ALA A 79 -20.24 8.49 -14.69
C ALA A 79 -19.30 9.33 -15.52
N GLY A 80 -18.14 8.77 -15.83
CA GLY A 80 -17.07 9.48 -16.50
C GLY A 80 -17.19 9.49 -18.02
N GLN A 81 -18.12 8.72 -18.56
CA GLN A 81 -18.24 8.61 -20.01
C GLN A 81 -18.76 9.89 -20.62
N GLU A 82 -18.41 10.10 -21.89
CA GLU A 82 -18.74 11.30 -22.62
C GLU A 82 -20.24 11.64 -22.64
N GLU A 83 -21.10 10.61 -22.62
CA GLU A 83 -22.56 10.82 -22.62
C GLU A 83 -23.03 11.58 -21.39
N TYR A 84 -22.23 11.59 -20.32
CA TYR A 84 -22.60 12.32 -19.11
C TYR A 84 -21.88 13.66 -18.97
N ASP A 85 -21.19 14.10 -20.01
CA ASP A 85 -20.36 15.31 -19.89
C ASP A 85 -21.18 16.53 -19.47
N ARG A 86 -22.47 16.53 -19.82
CA ARG A 86 -23.33 17.69 -19.51
C ARG A 86 -24.17 17.46 -18.24
N LEU A 87 -24.12 16.26 -17.69
CA LEU A 87 -24.90 15.90 -16.50
C LEU A 87 -24.03 15.81 -15.26
N ARG A 88 -22.90 15.14 -15.41
CA ARG A 88 -22.00 14.86 -14.29
C ARG A 88 -21.62 16.08 -13.44
N PRO A 89 -21.32 17.23 -14.09
CA PRO A 89 -20.84 18.36 -13.30
C PRO A 89 -21.85 18.93 -12.31
N LEU A 90 -23.13 18.66 -12.51
CA LEU A 90 -24.11 19.09 -11.53
C LEU A 90 -23.84 18.44 -10.16
N SER A 91 -23.16 17.30 -10.15
CA SER A 91 -22.78 16.65 -8.90
C SER A 91 -21.70 17.41 -8.14
N TYR A 92 -21.06 18.38 -8.78
CA TYR A 92 -19.90 19.04 -8.15
C TYR A 92 -20.21 20.13 -7.12
N ALA A 93 -21.44 20.66 -7.13
CA ALA A 93 -21.76 21.78 -6.24
C ALA A 93 -21.41 21.45 -4.80
N ASP A 94 -20.72 22.38 -4.13
CA ASP A 94 -20.41 22.23 -2.72
C ASP A 94 -19.43 21.11 -2.36
N SER A 95 -18.66 20.62 -3.34
CA SER A 95 -17.69 19.55 -3.07
C SER A 95 -16.49 20.06 -2.26
N ASP A 96 -16.11 19.32 -1.23
CA ASP A 96 -14.92 19.65 -0.46
C ASP A 96 -13.66 19.01 -1.02
N VAL A 97 -13.82 17.81 -1.56
CA VAL A 97 -12.70 17.03 -2.08
C VAL A 97 -13.14 16.31 -3.35
N VAL A 98 -12.26 16.28 -4.35
CA VAL A 98 -12.54 15.47 -5.53
C VAL A 98 -11.38 14.49 -5.66
N LEU A 99 -11.69 13.21 -5.86
CA LEU A 99 -10.68 12.19 -6.11
C LEU A 99 -10.56 12.09 -7.61
N LEU A 100 -9.37 12.43 -8.13
CA LEU A 100 -9.06 12.27 -9.55
C LEU A 100 -8.52 10.85 -9.75
N CYS A 101 -9.33 9.97 -10.31
CA CYS A 101 -9.01 8.53 -10.36
C CYS A 101 -8.55 8.10 -11.74
N PHE A 102 -7.49 7.28 -11.78
CA PHE A 102 -7.08 6.56 -12.99
C PHE A 102 -6.71 5.13 -12.57
N ALA A 103 -6.57 4.21 -13.53
CA ALA A 103 -6.12 2.86 -13.21
C ALA A 103 -4.66 2.73 -13.64
N VAL A 104 -3.82 2.22 -12.74
CA VAL A 104 -2.38 2.24 -13.00
C VAL A 104 -2.03 1.37 -14.20
N ASN A 105 -2.90 0.43 -14.56
CA ASN A 105 -2.64 -0.40 -15.75
C ASN A 105 -3.24 0.15 -17.03
N ASN A 106 -3.69 1.40 -16.99
CA ASN A 106 -4.37 2.01 -18.13
C ASN A 106 -3.81 3.41 -18.35
N ARG A 107 -2.77 3.50 -19.16
CA ARG A 107 -2.06 4.76 -19.30
C ARG A 107 -2.95 5.86 -19.90
N THR A 108 -3.92 5.46 -20.72
CA THR A 108 -4.86 6.43 -21.27
C THR A 108 -5.66 7.12 -20.15
N SER A 109 -6.08 6.37 -19.14
CA SER A 109 -6.86 7.00 -18.06
C SER A 109 -5.99 7.95 -17.25
N PHE A 110 -4.69 7.65 -17.17
CA PHE A 110 -3.70 8.51 -16.51
C PHE A 110 -3.49 9.80 -17.30
N ASP A 111 -3.26 9.68 -18.62
CA ASP A 111 -3.16 10.90 -19.45
C ASP A 111 -4.42 11.77 -19.37
N ASN A 112 -5.58 11.12 -19.26
CA ASN A 112 -6.85 11.87 -19.22
C ASN A 112 -7.02 12.65 -17.94
N ILE A 113 -6.23 12.34 -16.93
CA ILE A 113 -6.26 13.17 -15.70
C ILE A 113 -5.83 14.58 -16.11
N SER A 114 -4.77 14.67 -16.89
CA SER A 114 -4.23 15.98 -17.31
C SER A 114 -5.06 16.63 -18.41
N THR A 115 -5.63 15.82 -19.29
CA THR A 115 -6.31 16.39 -20.45
C THR A 115 -7.79 16.68 -20.20
N LYS A 116 -8.41 15.88 -19.34
CA LYS A 116 -9.84 16.06 -19.07
C LYS A 116 -10.20 16.34 -17.60
N TRP A 117 -9.77 15.48 -16.68
CA TRP A 117 -10.36 15.51 -15.35
C TRP A 117 -9.93 16.69 -14.51
N GLU A 118 -8.63 16.93 -14.45
CA GLU A 118 -8.16 18.10 -13.73
C GLU A 118 -8.72 19.37 -14.38
N PRO A 119 -8.64 19.49 -15.71
CA PRO A 119 -9.26 20.70 -16.28
C PRO A 119 -10.76 20.84 -15.99
N GLU A 120 -11.49 19.74 -15.96
CA GLU A 120 -12.91 19.82 -15.68
C GLU A 120 -13.19 20.27 -14.24
N ILE A 121 -12.43 19.74 -13.29
CA ILE A 121 -12.60 20.10 -11.88
C ILE A 121 -12.18 21.56 -11.64
N LYS A 122 -11.06 21.95 -12.23
CA LYS A 122 -10.60 23.34 -12.09
C LYS A 122 -11.63 24.29 -12.70
N HIS A 123 -12.31 23.84 -13.74
CA HIS A 123 -13.33 24.68 -14.34
C HIS A 123 -14.57 24.84 -13.46
N TYR A 124 -15.16 23.72 -13.06
CA TYR A 124 -16.43 23.74 -12.33
C TYR A 124 -16.35 23.96 -10.82
N ILE A 125 -15.29 23.50 -10.16
CA ILE A 125 -15.27 23.49 -8.70
C ILE A 125 -13.82 23.66 -8.18
N ASP A 126 -13.22 24.78 -8.55
CA ASP A 126 -11.81 25.03 -8.24
C ASP A 126 -11.52 25.18 -6.74
N THR A 127 -12.57 25.30 -5.94
CA THR A 127 -12.42 25.46 -4.49
C THR A 127 -12.25 24.11 -3.78
N ALA A 128 -12.55 23.01 -4.47
CA ALA A 128 -12.34 21.69 -3.92
C ALA A 128 -10.84 21.36 -3.85
N LYS A 129 -10.43 20.63 -2.81
CA LYS A 129 -9.09 20.07 -2.81
C LYS A 129 -9.13 18.82 -3.67
N THR A 130 -7.99 18.46 -4.26
CA THR A 130 -7.95 17.26 -5.09
C THR A 130 -6.97 16.22 -4.53
N VAL A 131 -7.33 14.96 -4.69
CA VAL A 131 -6.49 13.85 -4.31
C VAL A 131 -6.35 12.99 -5.56
N LEU A 132 -5.12 12.68 -5.95
CA LEU A 132 -4.87 11.82 -7.09
C LEU A 132 -4.85 10.37 -6.63
N VAL A 133 -5.66 9.53 -7.25
CA VAL A 133 -5.78 8.14 -6.80
C VAL A 133 -5.45 7.17 -7.95
N GLY A 134 -4.44 6.34 -7.73
CA GLY A 134 -4.08 5.34 -8.72
C GLY A 134 -4.74 4.03 -8.30
N LEU A 135 -5.75 3.60 -9.05
CA LEU A 135 -6.52 2.39 -8.71
C LEU A 135 -6.00 1.12 -9.40
N LYS A 136 -6.57 -0.01 -9.00
CA LYS A 136 -6.19 -1.35 -9.52
C LYS A 136 -4.68 -1.62 -9.36
N VAL A 137 -4.09 -1.15 -8.27
CA VAL A 137 -2.65 -1.28 -8.18
C VAL A 137 -2.23 -2.77 -8.10
N ASP A 138 -3.16 -3.65 -7.72
CA ASP A 138 -2.87 -5.10 -7.72
C ASP A 138 -2.53 -5.62 -9.13
N LEU A 139 -2.90 -4.88 -10.17
CA LEU A 139 -2.63 -5.32 -11.54
C LEU A 139 -1.28 -4.90 -12.11
N ARG A 140 -0.57 -4.02 -11.41
CA ARG A 140 0.67 -3.50 -11.97
C ARG A 140 1.72 -4.61 -12.03
N LYS A 141 2.53 -4.61 -13.07
CA LYS A 141 3.56 -5.63 -13.21
C LYS A 141 4.66 -5.07 -14.12
N ASP A 142 5.86 -5.63 -14.03
CA ASP A 142 7.00 -5.20 -14.85
C ASP A 142 6.78 -5.50 -16.34
N GLY A 143 7.44 -4.73 -17.21
CA GLY A 143 7.52 -5.12 -18.61
C GLY A 143 6.35 -4.71 -19.47
N SER A 144 5.40 -4.02 -18.87
CA SER A 144 4.51 -3.19 -19.66
C SER A 144 4.84 -1.77 -19.26
N ASP A 145 3.97 -0.82 -19.59
CA ASP A 145 4.23 0.55 -19.18
C ASP A 145 3.09 1.01 -18.28
N ASP A 146 2.79 0.20 -17.28
CA ASP A 146 1.87 0.62 -16.23
C ASP A 146 2.43 1.89 -15.61
N VAL A 147 1.55 2.70 -15.02
CA VAL A 147 1.97 3.95 -14.41
C VAL A 147 2.67 3.63 -13.08
N THR A 148 3.81 4.25 -12.84
CA THR A 148 4.60 3.93 -11.65
C THR A 148 4.25 4.88 -10.52
N LYS A 149 4.61 4.50 -9.29
CA LYS A 149 4.39 5.40 -8.16
C LYS A 149 5.07 6.75 -8.40
N GLN A 150 6.28 6.70 -8.97
CA GLN A 150 7.02 7.93 -9.23
C GLN A 150 6.22 8.89 -10.09
N GLU A 151 5.61 8.37 -11.15
CA GLU A 151 4.86 9.18 -12.08
C GLU A 151 3.64 9.80 -11.42
N GLY A 152 2.98 9.04 -10.54
CA GLY A 152 1.83 9.55 -9.83
C GLY A 152 2.23 10.68 -8.91
N ASP A 153 3.31 10.46 -8.16
CA ASP A 153 3.89 11.51 -7.32
C ASP A 153 4.22 12.79 -8.10
N ASP A 154 4.82 12.62 -9.27
CA ASP A 154 5.22 13.78 -10.10
C ASP A 154 4.00 14.54 -10.62
N LEU A 155 2.97 13.80 -11.06
CA LEU A 155 1.73 14.44 -11.54
C LEU A 155 1.02 15.17 -10.40
N CYS A 156 0.99 14.55 -9.23
CA CYS A 156 0.32 15.13 -8.06
C CYS A 156 0.95 16.48 -7.76
N GLN A 157 2.27 16.52 -7.83
CA GLN A 157 3.02 17.74 -7.58
C GLN A 157 2.67 18.84 -8.60
N LYS A 158 2.67 18.49 -9.90
CA LYS A 158 2.36 19.47 -10.94
C LYS A 158 0.94 20.03 -10.89
N LEU A 159 -0.02 19.18 -10.50
CA LEU A 159 -1.44 19.55 -10.48
C LEU A 159 -1.85 20.21 -9.17
N GLY A 160 -1.00 20.13 -8.16
CA GLY A 160 -1.29 20.73 -6.87
C GLY A 160 -2.29 19.88 -6.08
N CYS A 161 -2.29 18.57 -6.27
CA CYS A 161 -3.10 17.68 -5.42
C CYS A 161 -2.50 17.62 -4.02
N VAL A 162 -3.31 17.29 -3.04
CA VAL A 162 -2.80 17.17 -1.67
C VAL A 162 -1.95 15.91 -1.49
N ALA A 163 -2.15 14.92 -2.35
CA ALA A 163 -1.45 13.65 -2.23
C ALA A 163 -1.75 12.75 -3.44
N TYR A 164 -0.86 11.79 -3.67
CA TYR A 164 -1.10 10.68 -4.59
C TYR A 164 -1.16 9.40 -3.76
N ILE A 165 -2.23 8.63 -3.94
CA ILE A 165 -2.43 7.42 -3.14
C ILE A 165 -2.81 6.26 -4.05
N GLU A 166 -2.11 5.14 -3.92
CA GLU A 166 -2.45 3.96 -4.74
C GLU A 166 -3.35 3.02 -3.94
N ALA A 167 -4.29 2.37 -4.62
CA ALA A 167 -5.24 1.52 -3.91
C ALA A 167 -5.68 0.36 -4.78
N SER A 168 -6.18 -0.69 -4.14
CA SER A 168 -6.83 -1.79 -4.83
C SER A 168 -8.09 -2.18 -4.07
N SER A 169 -9.24 -2.07 -4.74
CA SER A 169 -10.49 -2.48 -4.16
C SER A 169 -10.55 -3.99 -4.05
N VAL A 170 -9.83 -4.65 -4.94
CA VAL A 170 -9.88 -6.11 -4.96
C VAL A 170 -9.04 -6.71 -3.82
N ALA A 171 -7.83 -6.17 -3.65
CA ALA A 171 -6.90 -6.72 -2.68
C ALA A 171 -7.02 -6.04 -1.31
N LYS A 172 -7.86 -5.01 -1.25
CA LYS A 172 -8.06 -4.22 -0.04
C LYS A 172 -6.77 -3.54 0.40
N ILE A 173 -6.18 -2.78 -0.50
CA ILE A 173 -4.99 -2.01 -0.20
C ILE A 173 -5.29 -0.52 -0.39
N GLY A 174 -4.93 0.30 0.60
CA GLY A 174 -4.93 1.73 0.44
C GLY A 174 -6.29 2.41 0.56
N LEU A 175 -7.32 1.61 0.84
CA LEU A 175 -8.69 2.12 0.78
C LEU A 175 -8.94 3.16 1.86
N ASN A 176 -8.63 2.83 3.13
CA ASN A 176 -8.81 3.80 4.22
C ASN A 176 -7.91 5.01 4.04
N GLU A 177 -6.71 4.78 3.53
CA GLU A 177 -5.75 5.86 3.34
C GLU A 177 -6.31 6.95 2.41
N VAL A 178 -7.04 6.54 1.37
CA VAL A 178 -7.65 7.50 0.44
C VAL A 178 -8.60 8.45 1.16
N PHE A 179 -9.43 7.88 2.02
CA PHE A 179 -10.47 8.66 2.65
C PHE A 179 -9.99 9.39 3.88
N GLU A 180 -8.96 8.85 4.55
CA GLU A 180 -8.34 9.54 5.69
C GLU A 180 -7.59 10.78 5.20
N LYS A 181 -6.91 10.64 4.07
CA LYS A 181 -6.22 11.80 3.51
C LYS A 181 -7.23 12.86 3.09
N SER A 182 -8.37 12.42 2.55
CA SER A 182 -9.47 13.33 2.20
C SER A 182 -9.98 14.11 3.43
N VAL A 183 -10.20 13.39 4.52
CA VAL A 183 -10.60 14.03 5.78
C VAL A 183 -9.51 14.99 6.26
N ASP A 184 -8.26 14.52 6.26
CA ASP A 184 -7.14 15.34 6.74
C ASP A 184 -6.91 16.66 6.00
N CYS A 185 -7.21 16.71 4.71
CA CYS A 185 -6.95 17.96 3.98
C CYS A 185 -8.04 19.00 4.23
N ILE A 186 -9.14 18.56 4.86
CA ILE A 186 -10.24 19.46 5.18
C ILE A 186 -10.23 19.77 6.67
N PHE A 187 -10.03 18.76 7.50
CA PHE A 187 -10.08 18.91 8.96
C PHE A 187 -8.75 18.60 9.64
N SER A 188 -8.14 19.61 10.24
CA SER A 188 -6.90 19.40 10.98
C SER A 188 -7.10 18.49 12.19
N ASN A 189 -6.02 17.81 12.59
CA ASN A 189 -6.07 16.95 13.77
C ASN A 189 -5.83 17.75 15.04
N LYS A 190 -4.73 18.49 15.03
CA LYS A 190 -4.30 19.31 16.16
C LYS A 190 -5.38 20.37 16.49
N PRO A 191 -5.56 20.67 17.80
CA PRO A 191 -4.74 20.28 18.95
C PRO A 191 -5.26 19.08 19.73
N VAL A 192 -4.35 18.37 20.42
CA VAL A 192 -4.69 17.30 21.36
C VAL A 192 -4.05 17.54 22.74
N PRO A 193 -4.65 16.97 23.79
CA PRO A 193 -4.22 17.22 25.18
C PRO A 193 -2.85 16.66 25.45
N LYS A 194 -2.21 17.12 26.52
CA LYS A 194 -1.00 16.45 26.99
C LYS A 194 -1.42 15.18 27.73
N GLY B 15 22.73 -1.23 15.58
CA GLY B 15 23.31 0.10 15.65
C GLY B 15 24.78 0.15 15.29
N LYS B 16 25.08 0.00 13.99
CA LYS B 16 26.46 0.02 13.50
C LYS B 16 26.71 1.24 12.62
N ILE B 17 27.97 1.63 12.47
CA ILE B 17 28.35 2.71 11.56
C ILE B 17 29.57 2.27 10.77
N GLU B 18 29.44 2.21 9.44
CA GLU B 18 30.41 1.45 8.65
C GLU B 18 31.44 2.26 7.86
N ASN B 19 31.03 3.38 7.28
CA ASN B 19 32.00 4.31 6.73
C ASN B 19 31.79 5.63 7.43
N GLY B 20 30.62 6.19 7.19
CA GLY B 20 30.13 7.29 7.98
C GLY B 20 28.62 7.10 7.98
N LYS B 21 28.21 5.92 7.50
CA LYS B 21 26.80 5.63 7.30
C LYS B 21 26.29 4.63 8.33
N LYS B 22 25.10 4.90 8.88
CA LYS B 22 24.45 3.98 9.80
C LYS B 22 24.17 2.68 9.06
N ALA B 23 24.50 1.56 9.70
CA ALA B 23 24.39 0.27 9.05
C ALA B 23 23.52 -0.69 9.86
N LEU B 24 22.85 -1.59 9.15
CA LEU B 24 21.85 -2.47 9.74
C LEU B 24 21.92 -3.83 9.05
N LYS B 25 21.86 -4.94 9.79
CA LYS B 25 21.75 -6.25 9.17
C LYS B 25 20.32 -6.77 9.22
N ILE B 26 19.78 -7.10 8.05
CA ILE B 26 18.41 -7.61 7.93
C ILE B 26 18.40 -9.00 7.30
N VAL B 27 17.81 -9.97 8.00
CA VAL B 27 17.68 -11.33 7.50
C VAL B 27 16.22 -11.60 7.12
N VAL B 28 16.02 -12.34 6.03
CA VAL B 28 14.67 -12.59 5.52
C VAL B 28 14.36 -14.09 5.64
N VAL B 29 13.30 -14.45 6.36
CA VAL B 29 12.98 -15.88 6.57
C VAL B 29 11.49 -16.17 6.31
N GLY B 30 11.15 -17.45 6.09
CA GLY B 30 9.78 -17.84 5.80
C GLY B 30 9.75 -19.04 4.84
N ASP B 31 8.59 -19.68 4.71
CA ASP B 31 8.46 -20.84 3.83
C ASP B 31 9.01 -20.60 2.41
N GLY B 32 9.44 -21.67 1.77
CA GLY B 32 9.81 -21.57 0.36
C GLY B 32 8.63 -21.04 -0.46
N ALA B 33 8.96 -20.29 -1.51
CA ALA B 33 7.97 -19.76 -2.43
C ALA B 33 7.04 -18.66 -1.85
N VAL B 34 7.32 -18.08 -0.68
CA VAL B 34 6.48 -16.96 -0.24
C VAL B 34 6.89 -15.63 -0.93
N GLY B 35 8.09 -15.62 -1.50
CA GLY B 35 8.59 -14.47 -2.25
C GLY B 35 9.76 -13.70 -1.65
N LYS B 36 10.58 -14.36 -0.83
CA LYS B 36 11.69 -13.72 -0.16
C LYS B 36 12.78 -13.20 -1.12
N THR B 37 13.19 -14.03 -2.08
CA THR B 37 14.23 -13.60 -3.01
C THR B 37 13.71 -12.45 -3.91
N CYS B 38 12.46 -12.56 -4.36
CA CYS B 38 11.87 -11.49 -5.18
C CYS B 38 11.71 -10.18 -4.38
N LEU B 39 11.42 -10.27 -3.10
CA LEU B 39 11.36 -9.09 -2.25
C LEU B 39 12.69 -8.36 -2.30
N LEU B 40 13.79 -9.07 -2.09
CA LEU B 40 15.10 -8.43 -2.10
C LEU B 40 15.48 -7.91 -3.48
N LEU B 41 15.18 -8.66 -4.54
CA LEU B 41 15.53 -8.21 -5.88
C LEU B 41 14.70 -6.98 -6.26
N ALA B 42 13.39 -7.05 -6.02
CA ALA B 42 12.54 -5.95 -6.40
C ALA B 42 12.89 -4.71 -5.60
N PHE B 43 13.17 -4.89 -4.31
CA PHE B 43 13.54 -3.75 -3.47
C PHE B 43 14.86 -3.10 -3.90
N SER B 44 15.87 -3.91 -4.15
CA SER B 44 17.20 -3.38 -4.41
C SER B 44 17.49 -3.15 -5.90
N LYS B 45 16.89 -3.94 -6.77
CA LYS B 45 17.15 -3.79 -8.21
C LYS B 45 16.04 -3.04 -8.93
N GLY B 46 14.90 -2.88 -8.26
CA GLY B 46 13.79 -2.11 -8.80
C GLY B 46 12.92 -2.89 -9.75
N GLU B 47 13.28 -4.16 -9.95
CA GLU B 47 12.52 -5.06 -10.82
C GLU B 47 12.84 -6.50 -10.45
N ILE B 48 12.03 -7.43 -10.94
CA ILE B 48 12.34 -8.84 -10.85
C ILE B 48 12.79 -9.23 -12.25
N PRO B 49 14.05 -9.67 -12.40
CA PRO B 49 14.52 -9.91 -13.78
C PRO B 49 13.94 -11.17 -14.41
N THR B 50 13.72 -11.14 -15.72
CA THR B 50 13.35 -12.34 -16.47
C THR B 50 14.61 -13.16 -16.70
N ALA B 51 14.99 -13.93 -15.69
CA ALA B 51 16.20 -14.71 -15.74
C ALA B 51 16.10 -15.70 -14.60
N TYR B 52 16.94 -16.72 -14.61
CA TYR B 52 16.90 -17.72 -13.55
C TYR B 52 17.06 -17.04 -12.19
N VAL B 53 16.06 -17.19 -11.33
CA VAL B 53 16.09 -16.63 -9.98
C VAL B 53 16.71 -17.66 -9.04
N PRO B 54 17.77 -17.26 -8.32
CA PRO B 54 18.52 -18.21 -7.48
C PRO B 54 17.69 -18.65 -6.28
N THR B 55 18.00 -19.79 -5.70
CA THR B 55 17.32 -20.24 -4.50
C THR B 55 17.59 -19.23 -3.40
N VAL B 56 18.87 -18.88 -3.22
CA VAL B 56 19.26 -17.88 -2.24
C VAL B 56 20.22 -16.88 -2.83
N PHE B 57 19.84 -15.61 -2.78
CA PHE B 57 20.70 -14.51 -3.16
C PHE B 57 21.82 -14.37 -2.13
N GLU B 58 23.07 -14.38 -2.57
CA GLU B 58 24.16 -14.18 -1.63
C GLU B 58 23.98 -12.86 -0.90
N ASN B 59 24.35 -12.80 0.36
CA ASN B 59 24.15 -11.58 1.12
C ASN B 59 24.87 -10.41 0.46
N PHE B 60 24.29 -9.23 0.57
CA PHE B 60 24.82 -8.07 -0.12
C PHE B 60 24.43 -6.82 0.64
N SER B 61 25.10 -5.72 0.31
CA SER B 61 24.79 -4.44 0.91
C SER B 61 24.04 -3.56 -0.07
N HIS B 62 23.09 -2.79 0.46
CA HIS B 62 22.32 -1.88 -0.34
C HIS B 62 22.25 -0.54 0.39
N VAL B 63 22.57 0.54 -0.32
CA VAL B 63 22.46 1.86 0.29
C VAL B 63 21.06 2.42 0.04
N MET B 64 20.42 2.87 1.11
CA MET B 64 19.07 3.43 1.03
C MET B 64 19.05 4.83 1.63
N LYS B 65 18.61 5.81 0.83
CA LYS B 65 18.44 7.19 1.31
C LYS B 65 17.08 7.25 1.97
N TYR B 66 17.02 7.66 3.23
CA TYR B 66 15.74 7.64 3.92
C TYR B 66 15.42 8.97 4.58
N LYS B 67 15.57 9.05 5.89
CA LYS B 67 15.12 10.23 6.62
C LYS B 67 15.62 11.45 5.86
N ASN B 68 16.86 11.81 6.06
CA ASN B 68 17.55 12.67 5.13
C ASN B 68 18.97 12.19 5.07
N GLU B 69 19.15 10.92 5.42
CA GLU B 69 20.47 10.33 5.47
C GLU B 69 20.52 8.98 4.76
N GLU B 70 21.73 8.46 4.62
CA GLU B 70 21.95 7.20 3.94
C GLU B 70 22.24 6.08 4.93
N PHE B 71 21.56 4.95 4.74
CA PHE B 71 21.76 3.78 5.57
C PHE B 71 22.32 2.63 4.73
N ILE B 72 23.22 1.85 5.30
CA ILE B 72 23.72 0.68 4.61
C ILE B 72 23.00 -0.56 5.15
N LEU B 73 22.22 -1.19 4.29
CA LEU B 73 21.46 -2.36 4.68
C LEU B 73 22.18 -3.62 4.23
N HIS B 74 22.55 -4.46 5.18
CA HIS B 74 23.16 -5.75 4.85
C HIS B 74 22.08 -6.82 4.76
N LEU B 75 21.72 -7.17 3.54
CA LEU B 75 20.55 -8.01 3.30
C LEU B 75 20.88 -9.49 3.09
N TRP B 76 20.28 -10.33 3.91
CA TRP B 76 20.54 -11.76 3.90
C TRP B 76 19.29 -12.57 3.57
N ASP B 77 19.28 -13.15 2.38
CA ASP B 77 18.24 -14.06 1.93
C ASP B 77 18.53 -15.37 2.62
N THR B 78 17.54 -16.24 2.77
CA THR B 78 17.71 -17.59 3.34
C THR B 78 16.76 -18.55 2.64
N ALA B 79 16.96 -19.84 2.82
CA ALA B 79 16.02 -20.83 2.26
C ALA B 79 16.00 -22.07 3.10
N GLY B 80 15.20 -23.07 2.70
CA GLY B 80 15.12 -24.29 3.49
C GLY B 80 15.27 -25.52 2.62
N GLN B 81 15.84 -25.33 1.43
CA GLN B 81 16.07 -26.44 0.52
C GLN B 81 17.56 -26.64 0.24
N GLU B 82 17.94 -27.86 -0.10
CA GLU B 82 19.34 -28.23 -0.34
C GLU B 82 20.20 -27.83 0.86
N GLU B 83 21.42 -27.34 0.58
CA GLU B 83 22.39 -26.98 1.61
C GLU B 83 21.96 -25.74 2.40
N TYR B 84 21.03 -24.97 1.85
CA TYR B 84 20.58 -23.73 2.49
C TYR B 84 19.84 -23.94 3.81
N ASP B 85 19.15 -25.06 3.92
CA ASP B 85 18.47 -25.41 5.17
C ASP B 85 19.51 -25.53 6.28
N ARG B 86 20.62 -26.20 5.98
CA ARG B 86 21.69 -26.41 6.96
C ARG B 86 22.45 -25.13 7.23
N LEU B 87 22.61 -24.28 6.21
CA LEU B 87 23.37 -23.06 6.39
C LEU B 87 22.56 -21.97 7.12
N ARG B 88 21.23 -22.08 7.09
CA ARG B 88 20.39 -20.98 7.58
C ARG B 88 20.76 -20.44 8.99
N PRO B 89 20.96 -21.33 9.99
CA PRO B 89 21.28 -20.87 11.34
C PRO B 89 22.48 -19.92 11.38
N LEU B 90 23.44 -20.16 10.50
CA LEU B 90 24.63 -19.33 10.49
C LEU B 90 24.35 -17.93 9.97
N SER B 91 23.21 -17.73 9.31
CA SER B 91 22.86 -16.42 8.77
C SER B 91 22.44 -15.43 9.87
N TYR B 92 22.05 -15.94 11.02
CA TYR B 92 21.41 -15.11 12.04
C TYR B 92 22.33 -14.22 12.87
N ALA B 93 23.60 -14.58 13.00
CA ALA B 93 24.49 -13.85 13.89
C ALA B 93 24.42 -12.35 13.66
N ASP B 94 24.26 -11.62 14.77
CA ASP B 94 24.29 -10.16 14.80
C ASP B 94 23.21 -9.50 13.96
N SER B 95 22.13 -10.21 13.68
CA SER B 95 21.03 -9.61 12.93
C SER B 95 20.33 -8.57 13.76
N ASP B 96 20.10 -7.40 13.16
CA ASP B 96 19.36 -6.36 13.85
C ASP B 96 17.85 -6.50 13.65
N VAL B 97 17.47 -6.98 12.47
CA VAL B 97 16.06 -7.11 12.13
C VAL B 97 15.87 -8.45 11.38
N VAL B 98 14.77 -9.14 11.67
CA VAL B 98 14.38 -10.30 10.89
C VAL B 98 13.00 -10.04 10.31
N LEU B 99 12.86 -10.24 9.01
CA LEU B 99 11.56 -10.17 8.38
C LEU B 99 10.93 -11.58 8.40
N LEU B 100 9.83 -11.73 9.13
CA LEU B 100 9.08 -12.98 9.16
C LEU B 100 8.08 -12.91 7.99
N CYS B 101 8.38 -13.62 6.90
CA CYS B 101 7.60 -13.49 5.67
C CYS B 101 6.66 -14.68 5.43
N PHE B 102 5.43 -14.36 5.02
CA PHE B 102 4.51 -15.34 4.48
C PHE B 102 3.84 -14.74 3.23
N ALA B 103 3.12 -15.55 2.47
CA ALA B 103 2.40 -15.08 1.28
C ALA B 103 0.94 -14.99 1.66
N VAL B 104 0.29 -13.86 1.37
CA VAL B 104 -1.11 -13.71 1.80
C VAL B 104 -2.06 -14.71 1.17
N ASN B 105 -1.68 -15.31 0.04
CA ASN B 105 -2.54 -16.32 -0.59
C ASN B 105 -2.11 -17.73 -0.21
N ASN B 106 -1.30 -17.84 0.83
CA ASN B 106 -0.83 -19.16 1.26
C ASN B 106 -0.94 -19.29 2.76
N ARG B 107 -2.07 -19.82 3.23
CA ARG B 107 -2.36 -19.86 4.67
C ARG B 107 -1.38 -20.76 5.44
N THR B 108 -0.88 -21.78 4.76
CA THR B 108 0.13 -22.64 5.35
C THR B 108 1.35 -21.81 5.75
N SER B 109 1.81 -20.94 4.85
CA SER B 109 2.96 -20.09 5.17
C SER B 109 2.71 -19.14 6.34
N PHE B 110 1.51 -18.58 6.40
CA PHE B 110 1.10 -17.74 7.53
C PHE B 110 1.15 -18.52 8.87
N ASP B 111 0.53 -19.70 8.91
CA ASP B 111 0.54 -20.55 10.12
C ASP B 111 1.95 -20.92 10.54
N ASN B 112 2.83 -21.12 9.55
CA ASN B 112 4.22 -21.48 9.87
C ASN B 112 5.04 -20.36 10.51
N ILE B 113 4.57 -19.13 10.40
CA ILE B 113 5.26 -18.04 11.11
C ILE B 113 5.27 -18.36 12.60
N SER B 114 4.13 -18.80 13.11
CA SER B 114 3.95 -19.08 14.53
C SER B 114 4.52 -20.42 14.95
N THR B 115 4.34 -21.43 14.09
CA THR B 115 4.79 -22.77 14.38
C THR B 115 6.31 -22.97 14.25
N LYS B 116 6.91 -22.31 13.26
CA LYS B 116 8.31 -22.58 12.94
C LYS B 116 9.21 -21.34 12.98
N TRP B 117 8.84 -20.29 12.27
CA TRP B 117 9.82 -19.23 12.03
C TRP B 117 10.10 -18.31 13.24
N GLU B 118 9.04 -17.80 13.86
CA GLU B 118 9.23 -16.98 15.07
C GLU B 118 9.98 -17.76 16.17
N PRO B 119 9.64 -19.04 16.38
CA PRO B 119 10.41 -19.78 17.40
C PRO B 119 11.89 -19.95 17.03
N GLU B 120 12.17 -20.16 15.75
CA GLU B 120 13.55 -20.33 15.30
C GLU B 120 14.34 -19.04 15.57
N ILE B 121 13.73 -17.90 15.23
CA ILE B 121 14.36 -16.61 15.48
C ILE B 121 14.56 -16.38 16.97
N LYS B 122 13.54 -16.67 17.77
CA LYS B 122 13.69 -16.48 19.20
C LYS B 122 14.83 -17.36 19.71
N HIS B 123 15.01 -18.53 19.11
CA HIS B 123 16.13 -19.36 19.55
C HIS B 123 17.50 -18.77 19.20
N TYR B 124 17.72 -18.45 17.92
CA TYR B 124 19.05 -18.07 17.44
C TYR B 124 19.43 -16.61 17.66
N ILE B 125 18.45 -15.72 17.63
CA ILE B 125 18.76 -14.30 17.65
C ILE B 125 17.65 -13.50 18.32
N ASP B 126 17.48 -13.78 19.61
CA ASP B 126 16.40 -13.14 20.36
C ASP B 126 16.50 -11.61 20.40
N THR B 127 17.70 -11.07 20.18
CA THR B 127 17.91 -9.63 20.28
C THR B 127 17.50 -8.85 19.03
N ALA B 128 17.16 -9.59 17.97
CA ALA B 128 16.71 -8.96 16.73
C ALA B 128 15.29 -8.45 16.92
N LYS B 129 14.98 -7.32 16.29
CA LYS B 129 13.59 -6.89 16.16
C LYS B 129 12.98 -7.68 14.99
N THR B 130 11.70 -8.02 15.08
CA THR B 130 11.02 -8.73 13.99
C THR B 130 9.97 -7.85 13.35
N VAL B 131 9.84 -7.97 12.03
CA VAL B 131 8.80 -7.29 11.28
C VAL B 131 8.03 -8.39 10.55
N LEU B 132 6.70 -8.39 10.69
CA LEU B 132 5.88 -9.41 10.01
C LEU B 132 5.55 -8.88 8.62
N VAL B 133 5.85 -9.66 7.57
CA VAL B 133 5.65 -9.17 6.21
C VAL B 133 4.72 -10.07 5.40
N GLY B 134 3.64 -9.49 4.88
CA GLY B 134 2.64 -10.24 4.15
C GLY B 134 2.96 -10.01 2.69
N LEU B 135 3.60 -10.98 2.07
CA LEU B 135 4.03 -10.85 0.67
C LEU B 135 2.96 -11.26 -0.37
N LYS B 136 3.20 -10.94 -1.63
CA LYS B 136 2.26 -11.20 -2.72
C LYS B 136 0.88 -10.61 -2.47
N VAL B 137 0.82 -9.44 -1.86
CA VAL B 137 -0.49 -8.86 -1.54
C VAL B 137 -1.32 -8.54 -2.82
N ASP B 138 -0.66 -8.39 -3.95
CA ASP B 138 -1.36 -8.23 -5.22
C ASP B 138 -2.30 -9.40 -5.51
N LEU B 139 -2.09 -10.54 -4.84
CA LEU B 139 -2.85 -11.76 -5.12
C LEU B 139 -4.11 -11.89 -4.27
N ARG B 140 -4.27 -11.06 -3.24
CA ARG B 140 -5.45 -11.18 -2.38
C ARG B 140 -6.75 -10.88 -3.11
N LYS B 141 -7.75 -11.73 -2.88
CA LYS B 141 -9.07 -11.59 -3.50
C LYS B 141 -10.11 -12.13 -2.55
N ASP B 142 -11.31 -11.55 -2.57
CA ASP B 142 -12.41 -12.09 -1.78
C ASP B 142 -12.86 -13.46 -2.30
N GLY B 143 -13.30 -14.33 -1.40
CA GLY B 143 -13.96 -15.55 -1.83
C GLY B 143 -13.03 -16.73 -1.73
N SER B 144 -11.81 -16.46 -1.30
CA SER B 144 -10.90 -17.53 -0.99
C SER B 144 -10.64 -17.45 0.52
N ASP B 145 -9.56 -18.05 0.98
CA ASP B 145 -9.22 -17.96 2.40
C ASP B 145 -7.90 -17.20 2.59
N ASP B 146 -7.68 -16.18 1.74
CA ASP B 146 -6.47 -15.36 1.77
C ASP B 146 -6.35 -14.70 3.14
N VAL B 147 -5.13 -14.43 3.58
CA VAL B 147 -4.91 -13.81 4.88
C VAL B 147 -5.28 -12.31 4.80
N THR B 148 -6.09 -11.85 5.75
CA THR B 148 -6.52 -10.46 5.74
C THR B 148 -5.56 -9.57 6.50
N LYS B 149 -5.68 -8.26 6.30
CA LYS B 149 -4.81 -7.32 6.99
C LYS B 149 -5.05 -7.40 8.50
N GLN B 150 -6.30 -7.63 8.91
CA GLN B 150 -6.61 -7.75 10.34
C GLN B 150 -5.95 -8.98 10.96
N GLU B 151 -5.86 -10.06 10.18
CA GLU B 151 -5.18 -11.27 10.65
C GLU B 151 -3.69 -11.02 10.84
N GLY B 152 -3.10 -10.28 9.92
CA GLY B 152 -1.68 -9.92 10.01
C GLY B 152 -1.42 -9.02 11.20
N ASP B 153 -2.27 -8.01 11.37
CA ASP B 153 -2.16 -7.12 12.53
C ASP B 153 -2.28 -7.86 13.87
N ASP B 154 -3.24 -8.77 13.96
CA ASP B 154 -3.39 -9.57 15.17
C ASP B 154 -2.16 -10.49 15.43
N LEU B 155 -1.65 -11.14 14.40
CA LEU B 155 -0.46 -11.97 14.60
C LEU B 155 0.73 -11.11 15.05
N CYS B 156 0.93 -9.97 14.40
CA CYS B 156 1.99 -9.05 14.82
C CYS B 156 1.86 -8.72 16.29
N GLN B 157 0.64 -8.46 16.74
CA GLN B 157 0.40 -8.18 18.16
C GLN B 157 0.79 -9.37 19.05
N LYS B 158 0.30 -10.57 18.72
CA LYS B 158 0.59 -11.74 19.55
C LYS B 158 2.08 -12.00 19.63
N LEU B 159 2.80 -11.80 18.53
CA LEU B 159 4.21 -12.21 18.49
C LEU B 159 5.15 -11.10 18.94
N GLY B 160 4.61 -9.91 19.20
CA GLY B 160 5.43 -8.76 19.56
C GLY B 160 6.31 -8.24 18.43
N CYS B 161 5.87 -8.41 17.19
CA CYS B 161 6.62 -7.79 16.08
C CYS B 161 6.50 -6.25 16.17
N VAL B 162 7.37 -5.51 15.49
CA VAL B 162 7.32 -4.04 15.56
C VAL B 162 6.24 -3.50 14.64
N ALA B 163 5.85 -4.30 13.65
CA ALA B 163 4.83 -3.87 12.69
C ALA B 163 4.46 -5.03 11.77
N TYR B 164 3.27 -4.96 11.20
CA TYR B 164 2.87 -5.84 10.09
C TYR B 164 2.76 -4.99 8.84
N ILE B 165 3.50 -5.36 7.81
CA ILE B 165 3.52 -4.59 6.56
C ILE B 165 3.20 -5.50 5.38
N GLU B 166 2.33 -5.04 4.48
CA GLU B 166 1.97 -5.86 3.32
C GLU B 166 2.72 -5.35 2.09
N ALA B 167 3.13 -6.25 1.21
CA ALA B 167 3.98 -5.84 0.08
C ALA B 167 3.73 -6.71 -1.13
N SER B 168 4.02 -6.16 -2.31
CA SER B 168 4.04 -6.94 -3.54
C SER B 168 5.28 -6.55 -4.33
N SER B 169 6.18 -7.51 -4.50
CA SER B 169 7.35 -7.31 -5.35
C SER B 169 6.96 -7.07 -6.80
N VAL B 170 5.93 -7.77 -7.25
CA VAL B 170 5.52 -7.68 -8.65
C VAL B 170 4.87 -6.31 -8.95
N ALA B 171 3.96 -5.90 -8.06
CA ALA B 171 3.22 -4.65 -8.24
C ALA B 171 3.92 -3.41 -7.71
N LYS B 172 5.03 -3.61 -7.00
CA LYS B 172 5.77 -2.54 -6.30
C LYS B 172 4.90 -1.84 -5.29
N ILE B 173 4.39 -2.59 -4.32
CA ILE B 173 3.58 -2.03 -3.26
C ILE B 173 4.35 -2.29 -1.97
N GLY B 174 4.57 -1.27 -1.16
CA GLY B 174 5.06 -1.47 0.19
C GLY B 174 6.53 -1.88 0.34
N LEU B 175 7.27 -1.94 -0.77
CA LEU B 175 8.67 -2.41 -0.70
C LEU B 175 9.54 -1.49 0.16
N ASN B 176 9.45 -0.18 -0.08
CA ASN B 176 10.21 0.76 0.73
C ASN B 176 9.74 0.78 2.17
N GLU B 177 8.43 0.63 2.37
CA GLU B 177 7.85 0.65 3.71
C GLU B 177 8.45 -0.44 4.57
N VAL B 178 8.58 -1.65 4.00
CA VAL B 178 9.21 -2.77 4.71
C VAL B 178 10.58 -2.36 5.24
N PHE B 179 11.40 -1.77 4.37
CA PHE B 179 12.78 -1.52 4.75
C PHE B 179 12.94 -0.20 5.50
N GLU B 180 12.03 0.74 5.27
CA GLU B 180 12.01 1.97 6.05
C GLU B 180 11.61 1.69 7.49
N LYS B 181 10.66 0.78 7.68
CA LYS B 181 10.28 0.41 9.04
C LYS B 181 11.40 -0.37 9.74
N SER B 182 12.10 -1.21 8.98
CA SER B 182 13.28 -1.90 9.48
C SER B 182 14.30 -0.88 10.04
N VAL B 183 14.63 0.13 9.24
CA VAL B 183 15.57 1.15 9.67
C VAL B 183 15.03 1.89 10.88
N ASP B 184 13.74 2.20 10.85
CA ASP B 184 13.11 2.97 11.92
C ASP B 184 13.22 2.30 13.29
N CYS B 185 13.04 0.98 13.33
CA CYS B 185 12.97 0.29 14.61
C CYS B 185 14.36 0.11 15.22
N ILE B 186 15.40 0.42 14.45
CA ILE B 186 16.76 0.37 14.97
C ILE B 186 17.31 1.77 15.25
N PHE B 187 16.90 2.74 14.42
CA PHE B 187 17.35 4.13 14.53
C PHE B 187 16.16 5.08 14.68
#